data_4ATG
#
_entry.id   4ATG
#
_cell.length_a   33.792
_cell.length_b   50.685
_cell.length_c   67.293
_cell.angle_alpha   90.00
_cell.angle_beta   100.81
_cell.angle_gamma   90.00
#
_symmetry.space_group_name_H-M   'P 1 21 1'
#
loop_
_entity.id
_entity.type
_entity.pdbx_description
1 polymer TAF6
2 non-polymer '2-[N-CYCLOHEXYLAMINO]ETHANE SULFONIC ACID'
3 water water
#
_entity_poly.entity_id   1
_entity_poly.type   'polypeptide(L)'
_entity_poly.pdbx_seq_one_letter_code
;GSHMLPKELQLYFDKILSMIKSDMKDIAIECLEKESGLQQLVPYFIQHISELILKSFKEAEVLKTCIALYFSLIKNKHVF
IDPYLHQILPSLLTCVIGKSIVDDDVRKMSADIVKYIYDTYSRSYKTLAPRVLKTLKGVWMDPNRSEDSQYGALYCLSIL
SKNVVNTVIREHAEEYKRTIGKKKVTNLLDNVLNVH
;
_entity_poly.pdbx_strand_id   A
#
# COMPACT_ATOMS: atom_id res chain seq x y z
N GLY A 1 -9.12 20.38 -8.87
CA GLY A 1 -8.65 20.64 -7.51
C GLY A 1 -9.81 20.75 -6.54
N SER A 2 -9.56 20.43 -5.26
CA SER A 2 -10.60 20.45 -4.23
C SER A 2 -11.19 21.85 -4.03
N HIS A 3 -10.42 22.91 -4.35
CA HIS A 3 -10.91 24.30 -4.28
C HIS A 3 -12.05 24.56 -5.31
N MET A 4 -12.25 23.63 -6.26
CA MET A 4 -13.27 23.79 -7.31
C MET A 4 -14.56 23.03 -7.00
N LEU A 5 -14.57 22.25 -5.92
CA LEU A 5 -15.74 21.48 -5.53
C LEU A 5 -16.87 22.42 -5.05
N PRO A 6 -18.16 21.99 -5.11
CA PRO A 6 -19.22 22.76 -4.43
C PRO A 6 -18.83 22.90 -2.96
N LYS A 7 -19.17 24.04 -2.34
CA LYS A 7 -18.85 24.43 -0.96
C LYS A 7 -18.99 23.32 0.08
N GLU A 8 -20.15 22.67 0.12
CA GLU A 8 -20.43 21.60 1.10
C GLU A 8 -19.52 20.39 0.94
N LEU A 9 -19.14 20.08 -0.31
CA LEU A 9 -18.25 18.96 -0.55
C LEU A 9 -16.85 19.34 -0.16
N GLN A 10 -16.41 20.60 -0.40
CA GLN A 10 -15.08 21.02 0.05
C GLN A 10 -15.02 21.03 1.60
N LEU A 11 -16.10 21.47 2.25
CA LEU A 11 -16.12 21.48 3.71
C LEU A 11 -16.04 20.07 4.32
N TYR A 12 -16.73 19.09 3.73
CA TYR A 12 -16.69 17.70 4.19
C TYR A 12 -15.30 17.12 3.96
N PHE A 13 -14.75 17.35 2.76
CA PHE A 13 -13.41 16.92 2.35
C PHE A 13 -12.40 17.46 3.36
N ASP A 14 -12.41 18.79 3.60
CA ASP A 14 -11.50 19.41 4.57
C ASP A 14 -11.70 18.83 5.97
N LYS A 15 -12.96 18.55 6.36
CA LYS A 15 -13.25 18.00 7.72
C LYS A 15 -12.61 16.62 7.89
N ILE A 16 -12.79 15.72 6.94
CA ILE A 16 -12.20 14.37 7.00
C ILE A 16 -10.69 14.45 7.13
N LEU A 17 -10.07 15.25 6.27
CA LEU A 17 -8.61 15.39 6.28
C LEU A 17 -8.11 15.90 7.64
N SER A 18 -8.84 16.84 8.23
CA SER A 18 -8.49 17.41 9.54
C SER A 18 -8.58 16.38 10.67
N MET A 19 -9.35 15.30 10.46
CA MET A 19 -9.54 14.22 11.45
C MET A 19 -8.42 13.16 11.42
N ILE A 20 -7.61 13.09 10.34
CA ILE A 20 -6.54 12.09 10.23
C ILE A 20 -5.58 12.17 11.41
N LYS A 21 -5.12 13.39 11.75
CA LYS A 21 -4.19 13.60 12.87
C LYS A 21 -4.98 14.10 14.07
N SER A 22 -5.86 13.25 14.62
CA SER A 22 -6.69 13.63 15.77
C SER A 22 -7.23 12.37 16.42
N ASP A 23 -7.92 12.52 17.54
CA ASP A 23 -8.57 11.42 18.26
C ASP A 23 -9.79 10.90 17.47
N MET A 24 -10.17 11.57 16.36
CA MET A 24 -11.31 11.18 15.51
C MET A 24 -10.91 10.39 14.25
N LYS A 25 -9.64 9.97 14.14
CA LYS A 25 -9.15 9.24 12.96
C LYS A 25 -9.97 7.99 12.66
N ASP A 26 -10.47 7.29 13.69
CA ASP A 26 -11.27 6.07 13.48
C ASP A 26 -12.66 6.38 12.86
N ILE A 27 -13.23 7.54 13.21
CA ILE A 27 -14.51 8.02 12.63
C ILE A 27 -14.28 8.31 11.16
N ALA A 28 -13.17 9.01 10.82
CA ALA A 28 -12.84 9.31 9.41
C ALA A 28 -12.69 8.02 8.58
N ILE A 29 -12.03 7.00 9.14
CA ILE A 29 -11.85 5.70 8.46
C ILE A 29 -13.23 5.09 8.22
N GLU A 30 -14.10 5.11 9.25
CA GLU A 30 -15.47 4.57 9.08
C GLU A 30 -16.24 5.37 8.02
N CYS A 31 -16.18 6.73 8.07
CA CYS A 31 -16.90 7.57 7.09
C CYS A 31 -16.53 7.21 5.66
N LEU A 32 -15.24 7.01 5.37
CA LEU A 32 -14.81 6.73 3.99
C LEU A 32 -15.19 5.33 3.52
N GLU A 33 -15.54 4.43 4.43
CA GLU A 33 -16.03 3.10 4.05
C GLU A 33 -17.54 3.10 3.90
N LYS A 34 -18.25 3.94 4.68
CA LYS A 34 -19.71 3.83 4.72
C LYS A 34 -20.51 4.89 4.00
N GLU A 35 -19.99 6.11 3.91
CA GLU A 35 -20.76 7.23 3.35
C GLU A 35 -21.02 7.17 1.88
N SER A 36 -22.25 7.56 1.47
CA SER A 36 -22.59 7.61 0.05
C SER A 36 -22.31 9.03 -0.45
N GLY A 37 -22.32 9.21 -1.77
CA GLY A 37 -22.12 10.52 -2.40
C GLY A 37 -20.71 11.04 -2.38
N LEU A 38 -19.69 10.17 -2.15
CA LEU A 38 -18.29 10.61 -2.10
C LEU A 38 -17.53 10.51 -3.41
N GLN A 39 -18.13 9.92 -4.48
CA GLN A 39 -17.39 9.71 -5.72
C GLN A 39 -16.56 10.93 -6.20
N GLN A 40 -17.16 12.12 -6.22
CA GLN A 40 -16.45 13.33 -6.67
C GLN A 40 -15.20 13.62 -5.83
N LEU A 41 -15.23 13.25 -4.53
CA LEU A 41 -14.12 13.48 -3.61
C LEU A 41 -13.02 12.47 -3.72
N VAL A 42 -13.36 11.25 -4.15
CA VAL A 42 -12.40 10.14 -4.29
C VAL A 42 -11.02 10.53 -4.88
N PRO A 43 -10.90 11.12 -6.09
CA PRO A 43 -9.56 11.47 -6.60
C PRO A 43 -8.79 12.42 -5.68
N TYR A 44 -9.51 13.35 -5.02
CA TYR A 44 -8.90 14.34 -4.13
C TYR A 44 -8.42 13.68 -2.84
N PHE A 45 -9.19 12.71 -2.31
CA PHE A 45 -8.76 12.00 -1.10
C PHE A 45 -7.46 11.24 -1.42
N ILE A 46 -7.43 10.55 -2.56
CA ILE A 46 -6.24 9.79 -2.97
C ILE A 46 -5.05 10.71 -3.19
N GLN A 47 -5.25 11.85 -3.87
CA GLN A 47 -4.16 12.82 -4.07
C GLN A 47 -3.62 13.34 -2.72
N HIS A 48 -4.53 13.74 -1.77
N HIS A 48 -4.53 13.73 -1.82
CA HIS A 48 -4.06 14.24 -0.46
CA HIS A 48 -4.16 14.29 -0.52
C HIS A 48 -3.37 13.17 0.34
C HIS A 48 -3.52 13.26 0.45
N ILE A 49 -4.00 11.99 0.43
CA ILE A 49 -3.45 10.89 1.22
C ILE A 49 -2.06 10.51 0.69
N SER A 50 -1.89 10.40 -0.67
CA SER A 50 -0.57 10.07 -1.26
CA SER A 50 -0.58 10.05 -1.25
C SER A 50 0.46 11.09 -0.85
N GLU A 51 0.10 12.40 -0.90
CA GLU A 51 1.02 13.49 -0.52
C GLU A 51 1.33 13.45 0.97
N LEU A 52 0.34 13.13 1.80
CA LEU A 52 0.55 13.06 3.24
C LEU A 52 1.50 11.91 3.59
N ILE A 53 1.36 10.73 2.92
CA ILE A 53 2.28 9.60 3.16
C ILE A 53 3.72 10.03 2.90
N LEU A 54 3.99 10.76 1.79
CA LEU A 54 5.35 11.22 1.46
C LEU A 54 5.93 12.14 2.52
N LYS A 55 5.07 12.83 3.25
CA LYS A 55 5.47 13.77 4.31
C LYS A 55 5.51 13.13 5.68
N SER A 56 4.99 11.88 5.82
CA SER A 56 4.82 11.20 7.10
C SER A 56 5.60 9.91 7.33
N PHE A 57 6.74 9.73 6.64
CA PHE A 57 7.53 8.52 6.78
C PHE A 57 7.94 8.16 8.20
N LYS A 58 8.08 9.18 9.06
CA LYS A 58 8.50 9.00 10.47
C LYS A 58 7.32 9.04 11.44
N GLU A 59 6.07 9.07 10.92
CA GLU A 59 4.86 9.07 11.74
C GLU A 59 4.09 7.79 11.43
N ALA A 60 4.48 6.68 12.09
CA ALA A 60 3.91 5.35 11.88
C ALA A 60 2.40 5.33 12.02
N GLU A 61 1.86 6.02 13.05
CA GLU A 61 0.41 6.07 13.26
C GLU A 61 -0.32 6.80 12.12
N VAL A 62 0.29 7.87 11.58
CA VAL A 62 -0.32 8.59 10.43
C VAL A 62 -0.30 7.68 9.21
N LEU A 63 0.81 6.96 8.98
CA LEU A 63 0.90 6.04 7.82
C LEU A 63 -0.14 4.96 7.92
N LYS A 64 -0.35 4.41 9.12
CA LYS A 64 -1.38 3.37 9.32
C LYS A 64 -2.78 3.89 9.03
N THR A 65 -3.09 5.14 9.44
CA THR A 65 -4.37 5.78 9.13
C THR A 65 -4.55 5.95 7.62
N CYS A 66 -3.49 6.37 6.90
CA CYS A 66 -3.53 6.56 5.43
C CYS A 66 -3.85 5.27 4.72
N ILE A 67 -3.19 4.18 5.14
CA ILE A 67 -3.41 2.85 4.56
C ILE A 67 -4.85 2.41 4.81
N ALA A 68 -5.36 2.64 6.03
CA ALA A 68 -6.74 2.28 6.41
C ALA A 68 -7.75 3.09 5.63
N LEU A 69 -7.45 4.39 5.34
CA LEU A 69 -8.36 5.22 4.53
C LEU A 69 -8.42 4.69 3.11
N TYR A 70 -7.28 4.27 2.54
CA TYR A 70 -7.33 3.68 1.19
C TYR A 70 -8.22 2.44 1.19
N PHE A 71 -8.07 1.57 2.19
CA PHE A 71 -8.85 0.34 2.27
C PHE A 71 -10.33 0.66 2.43
N SER A 72 -10.66 1.72 3.19
CA SER A 72 -12.08 2.11 3.37
C SER A 72 -12.66 2.47 2.01
N LEU A 73 -11.95 3.29 1.22
CA LEU A 73 -12.47 3.71 -0.09
C LEU A 73 -12.58 2.50 -1.04
N ILE A 74 -11.60 1.59 -0.97
CA ILE A 74 -11.64 0.36 -1.79
C ILE A 74 -12.89 -0.48 -1.44
N LYS A 75 -13.23 -0.56 -0.13
CA LYS A 75 -14.39 -1.34 0.36
C LYS A 75 -15.76 -0.66 0.31
N ASN A 76 -15.79 0.64 0.12
CA ASN A 76 -17.03 1.41 0.11
C ASN A 76 -17.94 1.01 -1.03
N LYS A 77 -19.08 0.41 -0.69
CA LYS A 77 -20.08 -0.04 -1.68
C LYS A 77 -20.69 1.14 -2.49
N HIS A 78 -20.50 2.39 -2.01
CA HIS A 78 -21.02 3.60 -2.66
C HIS A 78 -19.94 4.35 -3.41
N VAL A 79 -18.80 3.71 -3.66
CA VAL A 79 -17.68 4.29 -4.41
C VAL A 79 -17.36 3.31 -5.55
N PHE A 80 -16.86 3.82 -6.68
CA PHE A 80 -16.38 3.02 -7.80
C PHE A 80 -14.90 3.27 -7.86
N ILE A 81 -14.13 2.37 -7.26
CA ILE A 81 -12.68 2.56 -7.08
C ILE A 81 -11.81 2.20 -8.25
N ASP A 82 -12.29 1.30 -9.13
CA ASP A 82 -11.49 0.82 -10.26
C ASP A 82 -10.66 1.86 -11.01
N PRO A 83 -11.18 3.07 -11.37
CA PRO A 83 -10.35 4.05 -12.09
C PRO A 83 -9.18 4.63 -11.31
N TYR A 84 -9.12 4.36 -10.01
CA TYR A 84 -8.12 4.94 -9.12
C TYR A 84 -7.13 3.95 -8.57
N LEU A 85 -7.27 2.65 -8.90
CA LEU A 85 -6.33 1.64 -8.40
C LEU A 85 -4.92 1.93 -8.88
N HIS A 86 -4.77 2.53 -10.07
CA HIS A 86 -3.46 2.90 -10.62
C HIS A 86 -2.73 3.96 -9.81
N GLN A 87 -3.47 4.78 -9.07
CA GLN A 87 -2.92 5.80 -8.14
C GLN A 87 -2.73 5.26 -6.71
N ILE A 88 -3.66 4.42 -6.25
CA ILE A 88 -3.55 3.83 -4.90
C ILE A 88 -2.37 2.86 -4.78
N LEU A 89 -2.24 1.96 -5.75
CA LEU A 89 -1.21 0.91 -5.70
C LEU A 89 0.22 1.44 -5.51
N PRO A 90 0.72 2.42 -6.31
CA PRO A 90 2.09 2.91 -6.07
C PRO A 90 2.26 3.60 -4.72
N SER A 91 1.20 4.24 -4.18
CA SER A 91 1.23 4.89 -2.88
C SER A 91 1.35 3.81 -1.76
N LEU A 92 0.56 2.74 -1.87
CA LEU A 92 0.69 1.62 -0.95
C LEU A 92 2.07 0.98 -1.09
N LEU A 93 2.57 0.81 -2.31
CA LEU A 93 3.91 0.23 -2.50
C LEU A 93 5.01 1.07 -1.90
N THR A 94 4.85 2.42 -1.87
CA THR A 94 5.82 3.32 -1.22
C THR A 94 5.89 2.97 0.29
N CYS A 95 4.73 2.63 0.91
CA CYS A 95 4.71 2.24 2.33
C CYS A 95 5.34 0.89 2.56
N VAL A 96 5.33 0.01 1.53
CA VAL A 96 5.93 -1.34 1.65
C VAL A 96 7.47 -1.23 1.55
N ILE A 97 7.93 -0.53 0.51
CA ILE A 97 9.35 -0.43 0.14
C ILE A 97 10.11 0.84 0.53
N GLY A 98 9.41 1.89 0.95
CA GLY A 98 9.99 3.17 1.33
C GLY A 98 11.21 3.08 2.23
N LYS A 99 12.30 3.78 1.85
CA LYS A 99 13.57 3.70 2.60
C LYS A 99 13.52 4.40 3.95
N SER A 100 12.65 5.40 4.11
CA SER A 100 12.59 6.20 5.35
C SER A 100 11.66 5.64 6.43
N ILE A 101 10.86 4.62 6.12
CA ILE A 101 9.94 4.01 7.08
C ILE A 101 10.71 3.14 8.08
N VAL A 102 10.50 3.37 9.37
CA VAL A 102 11.21 2.64 10.43
C VAL A 102 10.39 1.50 11.05
N ASP A 103 9.06 1.51 10.86
CA ASP A 103 8.18 0.51 11.44
C ASP A 103 7.84 -0.63 10.47
N ASP A 104 8.19 -1.89 10.83
CA ASP A 104 7.88 -3.07 10.01
C ASP A 104 6.38 -3.30 9.89
N ASP A 105 5.61 -2.94 10.93
CA ASP A 105 4.15 -3.09 10.93
C ASP A 105 3.49 -2.25 9.83
N VAL A 106 4.07 -1.10 9.51
CA VAL A 106 3.54 -0.23 8.43
C VAL A 106 3.71 -0.95 7.10
N ARG A 107 4.90 -1.50 6.87
CA ARG A 107 5.24 -2.20 5.64
C ARG A 107 4.31 -3.38 5.43
N LYS A 108 4.11 -4.18 6.48
CA LYS A 108 3.25 -5.36 6.41
C LYS A 108 1.80 -4.97 6.21
N MET A 109 1.32 -3.92 6.92
CA MET A 109 -0.08 -3.48 6.82
CA MET A 109 -0.08 -3.52 6.81
C MET A 109 -0.38 -3.04 5.39
N SER A 110 0.53 -2.22 4.80
CA SER A 110 0.36 -1.77 3.42
CA SER A 110 0.35 -1.76 3.43
C SER A 110 0.41 -2.96 2.46
N ALA A 111 1.34 -3.94 2.72
CA ALA A 111 1.49 -5.14 1.88
C ALA A 111 0.19 -5.95 1.87
N ASP A 112 -0.53 -5.99 3.01
CA ASP A 112 -1.82 -6.68 3.13
C ASP A 112 -2.87 -6.05 2.20
N ILE A 113 -2.83 -4.72 2.05
CA ILE A 113 -3.78 -4.03 1.16
C ILE A 113 -3.39 -4.25 -0.27
N VAL A 114 -2.09 -4.24 -0.57
CA VAL A 114 -1.62 -4.57 -1.94
C VAL A 114 -2.12 -5.97 -2.30
N LYS A 115 -2.06 -6.92 -1.36
CA LYS A 115 -2.53 -8.29 -1.60
C LYS A 115 -4.04 -8.30 -1.90
N TYR A 116 -4.81 -7.56 -1.16
CA TYR A 116 -6.26 -7.49 -1.37
C TYR A 116 -6.55 -7.00 -2.79
N ILE A 117 -5.83 -5.98 -3.23
CA ILE A 117 -6.01 -5.42 -4.59
C ILE A 117 -5.60 -6.46 -5.62
N TYR A 118 -4.45 -7.08 -5.40
CA TYR A 118 -3.93 -8.13 -6.27
C TYR A 118 -4.98 -9.25 -6.41
N ASP A 119 -5.45 -9.78 -5.29
CA ASP A 119 -6.43 -10.86 -5.31
C ASP A 119 -7.77 -10.47 -5.94
N THR A 120 -8.21 -9.25 -5.69
CA THR A 120 -9.53 -8.81 -6.17
C THR A 120 -9.54 -8.41 -7.64
N TYR A 121 -8.49 -7.72 -8.09
CA TYR A 121 -8.45 -7.10 -9.42
C TYR A 121 -7.48 -7.58 -10.46
N SER A 122 -6.49 -8.44 -10.12
CA SER A 122 -5.50 -8.86 -11.11
CA SER A 122 -5.50 -8.88 -11.11
C SER A 122 -6.11 -9.59 -12.31
N ARG A 123 -7.24 -10.31 -12.12
CA ARG A 123 -7.85 -11.02 -13.27
C ARG A 123 -8.71 -10.10 -14.14
N SER A 124 -9.09 -8.95 -13.59
CA SER A 124 -9.90 -7.96 -14.31
C SER A 124 -9.03 -6.99 -15.10
N TYR A 125 -7.91 -6.54 -14.52
CA TYR A 125 -7.03 -5.54 -15.15
C TYR A 125 -5.67 -6.14 -15.40
N LYS A 126 -5.38 -6.47 -16.67
CA LYS A 126 -4.16 -7.17 -17.09
C LYS A 126 -2.81 -6.60 -16.67
N THR A 127 -2.67 -5.27 -16.62
CA THR A 127 -1.39 -4.63 -16.28
C THR A 127 -1.11 -4.62 -14.77
N LEU A 128 -2.12 -4.88 -13.95
CA LEU A 128 -1.98 -4.81 -12.48
C LEU A 128 -0.92 -5.74 -11.88
N ALA A 129 -1.05 -7.07 -12.06
CA ALA A 129 -0.13 -8.04 -11.45
C ALA A 129 1.31 -7.89 -11.96
N PRO A 130 1.57 -7.77 -13.30
CA PRO A 130 2.95 -7.62 -13.76
C PRO A 130 3.66 -6.41 -13.16
N ARG A 131 2.96 -5.27 -13.04
CA ARG A 131 3.51 -4.03 -12.49
C ARG A 131 3.88 -4.21 -11.00
N VAL A 132 2.98 -4.81 -10.21
CA VAL A 132 3.20 -5.09 -8.78
C VAL A 132 4.40 -6.05 -8.64
N LEU A 133 4.42 -7.19 -9.37
CA LEU A 133 5.51 -8.13 -9.23
C LEU A 133 6.87 -7.54 -9.64
N LYS A 134 6.86 -6.70 -10.71
CA LYS A 134 8.09 -6.07 -11.22
C LYS A 134 8.71 -5.13 -10.19
N THR A 135 7.88 -4.28 -9.56
CA THR A 135 8.31 -3.34 -8.53
C THR A 135 8.91 -4.11 -7.35
N LEU A 136 8.17 -5.09 -6.82
CA LEU A 136 8.61 -5.85 -5.64
C LEU A 136 9.88 -6.66 -5.85
N LYS A 137 9.93 -7.45 -6.93
CA LYS A 137 11.11 -8.26 -7.24
C LYS A 137 12.31 -7.33 -7.44
N GLY A 138 12.07 -6.16 -8.06
CA GLY A 138 13.11 -5.17 -8.30
C GLY A 138 13.80 -4.67 -7.05
N VAL A 139 12.98 -4.32 -6.02
CA VAL A 139 13.41 -3.81 -4.72
C VAL A 139 14.10 -4.90 -3.92
N TRP A 140 13.47 -6.11 -3.85
CA TRP A 140 14.05 -7.25 -3.12
C TRP A 140 15.46 -7.59 -3.65
N MET A 141 15.60 -7.65 -4.99
CA MET A 141 16.85 -8.02 -5.65
C MET A 141 17.86 -6.89 -5.90
N ASP A 142 17.60 -5.67 -5.42
CA ASP A 142 18.49 -4.52 -5.61
C ASP A 142 19.54 -4.44 -4.50
N PRO A 143 20.85 -4.65 -4.80
CA PRO A 143 21.87 -4.57 -3.73
C PRO A 143 22.03 -3.20 -3.06
N ASN A 144 21.52 -2.13 -3.70
CA ASN A 144 21.56 -0.75 -3.20
C ASN A 144 20.42 -0.42 -2.24
N ARG A 145 19.35 -1.25 -2.26
CA ARG A 145 18.21 -1.06 -1.37
C ARG A 145 18.60 -1.48 0.04
N SER A 146 17.96 -0.85 1.05
CA SER A 146 18.21 -1.16 2.46
C SER A 146 17.59 -2.50 2.84
N GLU A 147 18.04 -3.05 3.98
CA GLU A 147 17.51 -4.30 4.53
C GLU A 147 15.99 -4.23 4.75
N ASP A 148 15.50 -3.11 5.32
CA ASP A 148 14.08 -2.92 5.61
C ASP A 148 13.23 -2.82 4.33
N SER A 149 13.78 -2.18 3.27
CA SER A 149 13.09 -2.07 1.98
C SER A 149 12.94 -3.44 1.32
N GLN A 150 14.04 -4.21 1.28
CA GLN A 150 14.06 -5.56 0.69
C GLN A 150 13.14 -6.49 1.46
N TYR A 151 13.08 -6.32 2.80
CA TYR A 151 12.21 -7.13 3.68
C TYR A 151 10.74 -6.85 3.35
N GLY A 152 10.39 -5.57 3.24
CA GLY A 152 9.01 -5.21 2.89
C GLY A 152 8.63 -5.82 1.55
N ALA A 153 9.50 -5.65 0.55
CA ALA A 153 9.28 -6.18 -0.81
C ALA A 153 9.09 -7.69 -0.79
N LEU A 154 9.98 -8.43 -0.09
CA LEU A 154 9.84 -9.89 0.02
C LEU A 154 8.58 -10.31 0.79
N TYR A 155 8.28 -9.62 1.91
CA TYR A 155 7.07 -9.93 2.69
C TYR A 155 5.85 -9.83 1.80
N CYS A 156 5.75 -8.74 1.01
CA CYS A 156 4.60 -8.56 0.12
C CYS A 156 4.52 -9.67 -0.93
N LEU A 157 5.65 -10.01 -1.60
CA LEU A 157 5.67 -11.12 -2.55
C LEU A 157 5.21 -12.42 -1.91
N SER A 158 5.68 -12.68 -0.68
CA SER A 158 5.41 -13.92 0.06
C SER A 158 3.92 -14.18 0.33
N ILE A 159 3.12 -13.10 0.45
CA ILE A 159 1.69 -13.29 0.77
C ILE A 159 0.77 -13.26 -0.48
N LEU A 160 1.27 -12.89 -1.66
CA LEU A 160 0.39 -12.78 -2.86
C LEU A 160 -0.30 -14.07 -3.27
N SER A 161 0.48 -15.14 -3.47
CA SER A 161 -0.02 -16.47 -3.86
C SER A 161 1.11 -17.47 -3.85
N LYS A 162 0.75 -18.77 -3.80
CA LYS A 162 1.72 -19.86 -3.87
C LYS A 162 2.44 -19.83 -5.21
N ASN A 163 1.76 -19.41 -6.30
CA ASN A 163 2.40 -19.33 -7.61
C ASN A 163 3.48 -18.24 -7.66
N VAL A 164 3.30 -17.13 -6.92
CA VAL A 164 4.32 -16.07 -6.84
C VAL A 164 5.49 -16.59 -5.98
N VAL A 165 5.20 -17.27 -4.86
CA VAL A 165 6.25 -17.86 -4.02
C VAL A 165 7.10 -18.82 -4.90
N ASN A 166 6.42 -19.67 -5.67
CA ASN A 166 7.07 -20.68 -6.52
C ASN A 166 7.77 -20.14 -7.74
N THR A 167 7.21 -19.12 -8.39
CA THR A 167 7.89 -18.56 -9.54
C THR A 167 8.95 -17.59 -9.03
N VAL A 168 8.56 -16.37 -8.66
CA VAL A 168 9.39 -15.25 -8.19
C VAL A 168 10.38 -15.56 -7.03
N ILE A 169 9.88 -15.98 -5.88
CA ILE A 169 10.73 -16.21 -4.71
C ILE A 169 11.71 -17.37 -4.87
N ARG A 170 11.17 -18.58 -5.17
CA ARG A 170 11.95 -19.80 -5.36
C ARG A 170 13.05 -19.63 -6.43
N GLU A 171 12.73 -18.97 -7.56
CA GLU A 171 13.66 -18.73 -8.67
C GLU A 171 14.84 -17.83 -8.31
N HIS A 172 14.66 -16.85 -7.41
CA HIS A 172 15.70 -15.88 -7.07
C HIS A 172 16.34 -16.02 -5.70
N ALA A 173 15.84 -16.95 -4.86
CA ALA A 173 16.31 -17.14 -3.48
C ALA A 173 17.81 -17.35 -3.36
N GLU A 174 18.37 -18.27 -4.14
CA GLU A 174 19.81 -18.55 -4.08
C GLU A 174 20.68 -17.35 -4.50
N GLU A 175 20.25 -16.58 -5.53
CA GLU A 175 20.97 -15.37 -5.94
C GLU A 175 20.93 -14.32 -4.83
N TYR A 176 19.76 -14.14 -4.17
CA TYR A 176 19.66 -13.19 -3.08
C TYR A 176 20.65 -13.53 -1.96
N LYS A 177 20.62 -14.79 -1.51
CA LYS A 177 21.46 -15.30 -0.44
C LYS A 177 22.94 -15.14 -0.74
N ARG A 178 23.33 -15.42 -2.00
CA ARG A 178 24.72 -15.35 -2.45
C ARG A 178 25.26 -13.92 -2.60
N THR A 179 24.45 -13.02 -3.16
CA THR A 179 24.88 -11.66 -3.50
C THR A 179 24.52 -10.53 -2.54
N ILE A 180 23.44 -10.67 -1.77
CA ILE A 180 23.01 -9.61 -0.86
C ILE A 180 23.06 -10.15 0.57
N GLY A 181 22.22 -11.15 0.84
CA GLY A 181 22.21 -11.87 2.10
C GLY A 181 22.00 -11.08 3.38
N LYS A 182 21.08 -10.10 3.38
CA LYS A 182 20.79 -9.35 4.61
C LYS A 182 20.00 -10.29 5.52
N LYS A 183 20.50 -10.49 6.76
CA LYS A 183 19.98 -11.44 7.75
C LYS A 183 18.47 -11.41 7.98
N LYS A 184 17.88 -10.22 8.11
CA LYS A 184 16.44 -10.08 8.33
C LYS A 184 15.65 -10.57 7.11
N VAL A 185 16.24 -10.39 5.90
CA VAL A 185 15.62 -10.83 4.64
C VAL A 185 15.79 -12.35 4.50
N THR A 186 17.02 -12.88 4.70
CA THR A 186 17.26 -14.33 4.61
C THR A 186 16.44 -15.10 5.64
N ASN A 187 16.23 -14.51 6.85
CA ASN A 187 15.38 -15.15 7.88
C ASN A 187 13.96 -15.31 7.37
N LEU A 188 13.42 -14.26 6.72
CA LEU A 188 12.07 -14.31 6.16
C LEU A 188 12.03 -15.34 5.01
N LEU A 189 13.02 -15.27 4.13
CA LEU A 189 13.17 -16.15 2.97
C LEU A 189 13.15 -17.61 3.40
N ASP A 190 13.94 -17.98 4.43
CA ASP A 190 14.00 -19.35 4.95
C ASP A 190 12.62 -19.82 5.48
N ASN A 191 11.87 -18.91 6.16
CA ASN A 191 10.53 -19.22 6.67
C ASN A 191 9.52 -19.42 5.51
N VAL A 192 9.58 -18.56 4.49
CA VAL A 192 8.66 -18.63 3.33
C VAL A 192 8.85 -19.93 2.55
N LEU A 193 10.10 -20.30 2.27
CA LEU A 193 10.43 -21.48 1.48
C LEU A 193 10.23 -22.82 2.18
N ASN A 194 10.10 -22.81 3.51
CA ASN A 194 9.84 -24.03 4.28
C ASN A 194 8.37 -24.47 4.22
N VAL A 195 7.49 -23.54 3.83
CA VAL A 195 6.05 -23.71 3.60
C VAL A 195 5.87 -23.83 2.08
#